data_6FUL
#
_entry.id   6FUL
#
_cell.length_a   79.181
_cell.length_b   82.801
_cell.length_c   93.156
_cell.angle_alpha   90.00
_cell.angle_beta   90.00
_cell.angle_gamma   90.00
#
_symmetry.space_group_name_H-M   'P 21 21 21'
#
loop_
_entity.id
_entity.type
_entity.pdbx_description
1 polymer 'Lysine-specific demethylase 6A'
2 non-polymer '1-methyl-5-oxidanyl-4-oxidanylidene-pyridine-2-carboxylic acid'
3 non-polymer 'MANGANESE (II) ION'
4 non-polymer 'ZINC ION'
5 non-polymer 'SULFATE ION'
6 non-polymer 2-(2-METHOXYETHOXY)ETHANOL
7 water water
#
_entity_poly.entity_id   1
_entity_poly.type   'polypeptide(L)'
_entity_poly.pdbx_seq_one_letter_code
;GPGYQDPNSQIIPSMSVSIYPSSAEVLKACRNLGKNGLSNSSILLDKCPPPRPPSSPYPPLPKDKLNPPTPSIYLENKRD
AFFPPLHQFCTNPNNPVTVIRGLAGALKLDLGLFSTKTLVEANNEHMVEVRTQLLQPADENWDPTGTKKIWHCESNRSHT
TIAKYAQYQASSFQESLREENEKRSHHKDHSDSESTSSDNSGRRRKGPFKTIKFGTNIDLSDDKKWKLQLHELTKLPAFV
RVVSAGNLLSHVGHTILGMNTVQLYMKVPGSRTPGHQENNNFCSVNINIGPGDCEWFVVPEGYWGVLNDFCEKNNLNFLM
GSWWPNLEDLYEANVPVYRFIQRPGDLVWINAGTVHWVQAIGWCNNIAWNVGPLTACQYKLAVERYEWNKLQSVKSIVPM
VHLSWNMARNIKVSDPKLFEMIKYCLLRTLKQCQTLREALIAAGKEIIWHGRTKEEPAHYCSICEVEVFDLLFVTNESNS
RKTYIVHCQDCARKTSGNLENFVVLEQYKMEDLMQVYDQFTLAPPLPSASS
;
_entity_poly.pdbx_strand_id   A
#
loop_
_chem_comp.id
_chem_comp.type
_chem_comp.name
_chem_comp.formula
E7Z non-polymer '1-methyl-5-oxidanyl-4-oxidanylidene-pyridine-2-carboxylic acid' 'C7 H7 N O4'
MN non-polymer 'MANGANESE (II) ION' 'Mn 2'
PG0 non-polymer 2-(2-METHOXYETHOXY)ETHANOL 'C5 H12 O3'
SO4 non-polymer 'SULFATE ION' 'O4 S -2'
ZN non-polymer 'ZINC ION' 'Zn 2'
#
# COMPACT_ATOMS: atom_id res chain seq x y z
N SER A 16 -31.45 9.02 4.39
CA SER A 16 -31.62 10.20 5.24
C SER A 16 -31.76 9.82 6.71
N VAL A 17 -31.61 8.54 7.00
CA VAL A 17 -31.75 8.00 8.36
C VAL A 17 -30.35 7.89 8.96
N SER A 18 -30.14 8.52 10.12
CA SER A 18 -28.89 8.30 10.84
C SER A 18 -29.00 7.04 11.67
N ILE A 19 -28.05 6.12 11.48
CA ILE A 19 -28.04 4.86 12.22
C ILE A 19 -26.99 4.85 13.31
N TYR A 20 -26.24 5.95 13.47
CA TYR A 20 -25.16 6.01 14.44
C TYR A 20 -25.50 6.97 15.58
N PRO A 21 -25.07 6.64 16.79
CA PRO A 21 -25.31 7.54 17.92
C PRO A 21 -24.48 8.81 17.79
N SER A 22 -24.93 9.85 18.48
CA SER A 22 -24.17 11.09 18.51
C SER A 22 -22.92 10.93 19.39
N SER A 23 -21.96 11.85 19.21
CA SER A 23 -20.77 11.78 20.04
C SER A 23 -21.11 11.94 21.52
N ALA A 24 -22.07 12.82 21.84
CA ALA A 24 -22.52 12.95 23.22
C ALA A 24 -23.02 11.62 23.77
N GLU A 25 -23.75 10.86 22.95
CA GLU A 25 -24.27 9.58 23.42
C GLU A 25 -23.15 8.57 23.61
N VAL A 26 -22.17 8.55 22.70
CA VAL A 26 -21.03 7.67 22.86
C VAL A 26 -20.27 7.99 24.14
N LEU A 27 -20.05 9.29 24.39
CA LEU A 27 -19.34 9.70 25.59
C LEU A 27 -20.11 9.32 26.84
N LYS A 28 -21.42 9.58 26.87
CA LYS A 28 -22.23 9.23 28.04
C LYS A 28 -22.20 7.73 28.28
N ALA A 29 -22.17 6.94 27.20
CA ALA A 29 -22.07 5.50 27.33
C ALA A 29 -20.74 5.09 27.96
N CYS A 30 -19.66 5.81 27.65
CA CYS A 30 -18.36 5.50 28.22
C CYS A 30 -18.23 5.95 29.67
N ARG A 31 -19.07 6.89 30.12
CA ARG A 31 -18.98 7.40 31.48
C ARG A 31 -19.34 6.37 32.54
N ASN A 32 -19.89 5.21 32.16
CA ASN A 32 -20.22 4.15 33.09
C ASN A 32 -18.97 3.64 33.83
N LEU A 38 -22.86 -1.71 33.78
CA LEU A 38 -23.15 -3.00 34.39
C LEU A 38 -24.60 -3.41 34.14
N SER A 39 -25.49 -2.42 34.14
CA SER A 39 -26.91 -2.66 33.91
C SER A 39 -27.48 -1.89 32.73
N ASN A 40 -26.75 -0.93 32.18
CA ASN A 40 -27.31 -0.12 31.11
C ASN A 40 -27.25 -0.85 29.77
N SER A 41 -28.09 -0.42 28.84
CA SER A 41 -28.10 -0.99 27.50
C SER A 41 -26.82 -0.63 26.76
N SER A 42 -26.44 -1.48 25.81
CA SER A 42 -25.25 -1.26 25.00
C SER A 42 -25.56 -0.29 23.86
N ILE A 43 -24.51 0.30 23.29
CA ILE A 43 -24.76 1.10 22.10
C ILE A 43 -24.35 0.26 20.88
N LEU A 44 -23.30 -0.56 21.01
CA LEU A 44 -22.97 -1.46 19.92
C LEU A 44 -22.17 -2.65 20.42
N LEU A 45 -22.19 -3.72 19.63
CA LEU A 45 -21.39 -4.91 19.89
C LEU A 45 -19.95 -4.59 19.54
N ASP A 46 -19.14 -4.29 20.56
CA ASP A 46 -17.74 -3.96 20.31
C ASP A 46 -16.98 -5.15 19.76
N LYS A 47 -17.32 -6.35 20.20
CA LYS A 47 -16.78 -7.57 19.61
C LYS A 47 -16.99 -7.54 18.10
N CYS A 48 -15.99 -8.03 17.38
CA CYS A 48 -16.05 -8.08 15.93
C CYS A 48 -15.39 -9.37 15.48
N PRO A 49 -15.92 -10.02 14.45
CA PRO A 49 -15.28 -11.23 13.93
C PRO A 49 -13.85 -10.93 13.53
N PRO A 50 -12.91 -11.82 13.87
CA PRO A 50 -11.50 -11.56 13.59
C PRO A 50 -11.16 -11.86 12.14
N PRO A 51 -10.25 -11.09 11.56
CA PRO A 51 -9.82 -11.34 10.17
C PRO A 51 -9.22 -12.73 9.99
N ARG A 52 -9.40 -13.28 8.78
CA ARG A 52 -8.85 -14.57 8.40
C ARG A 52 -8.74 -14.62 6.88
N PRO A 53 -7.95 -15.55 6.32
CA PRO A 53 -7.79 -15.60 4.86
C PRO A 53 -8.89 -16.42 4.22
N PRO A 54 -9.48 -15.93 3.14
CA PRO A 54 -10.66 -16.58 2.57
C PRO A 54 -10.31 -17.93 1.95
N SER A 55 -11.29 -18.82 1.94
CA SER A 55 -11.11 -20.06 1.20
C SER A 55 -11.14 -19.77 -0.30
N SER A 56 -10.82 -20.78 -1.11
CA SER A 56 -10.84 -20.61 -2.55
C SER A 56 -12.23 -20.15 -2.99
N PRO A 57 -12.31 -19.16 -3.88
CA PRO A 57 -13.60 -18.57 -4.24
C PRO A 57 -14.58 -19.59 -4.80
N TYR A 58 -15.86 -19.26 -4.64
CA TYR A 58 -16.98 -19.96 -5.22
C TYR A 58 -17.70 -19.04 -6.20
N PRO A 59 -18.08 -19.52 -7.39
CA PRO A 59 -17.85 -20.89 -7.88
C PRO A 59 -16.42 -21.14 -8.33
N PRO A 60 -15.96 -22.38 -8.21
CA PRO A 60 -14.63 -22.72 -8.70
C PRO A 60 -14.59 -22.64 -10.22
N LEU A 61 -13.38 -22.41 -10.74
CA LEU A 61 -13.14 -22.24 -12.16
C LEU A 61 -12.52 -23.49 -12.78
N PRO A 62 -13.02 -23.88 -13.95
CA PRO A 62 -12.46 -25.02 -14.66
C PRO A 62 -11.14 -24.65 -15.32
N LYS A 63 -10.44 -25.68 -15.80
CA LYS A 63 -9.11 -25.49 -16.36
C LYS A 63 -9.11 -24.50 -17.51
N ASP A 64 -10.18 -24.47 -18.31
CA ASP A 64 -10.23 -23.63 -19.49
C ASP A 64 -10.42 -22.16 -19.16
N LYS A 65 -10.62 -21.81 -17.89
CA LYS A 65 -10.75 -20.42 -17.48
C LYS A 65 -9.58 -19.95 -16.62
N LEU A 66 -8.45 -20.64 -16.67
CA LEU A 66 -7.35 -20.30 -15.77
C LEU A 66 -6.29 -19.45 -16.43
N ASN A 67 -6.42 -19.13 -17.72
CA ASN A 67 -5.49 -18.23 -18.40
C ASN A 67 -6.26 -17.10 -19.09
N PRO A 68 -6.99 -16.29 -18.32
CA PRO A 68 -7.87 -15.31 -18.94
C PRO A 68 -7.09 -14.19 -19.60
N PRO A 69 -7.66 -13.54 -20.61
CA PRO A 69 -7.01 -12.39 -21.22
C PRO A 69 -7.05 -11.16 -20.32
N THR A 70 -6.10 -10.26 -20.55
CA THR A 70 -5.97 -9.16 -19.62
C THR A 70 -6.90 -8.02 -20.02
N PRO A 71 -7.69 -7.48 -19.09
CA PRO A 71 -8.50 -6.29 -19.40
C PRO A 71 -7.63 -5.17 -19.93
N SER A 72 -8.00 -4.63 -21.09
CA SER A 72 -7.14 -3.73 -21.84
C SER A 72 -7.88 -2.48 -22.28
N ILE A 73 -7.18 -1.35 -22.26
CA ILE A 73 -7.69 -0.09 -22.79
C ILE A 73 -6.69 0.36 -23.85
N TYR A 74 -7.19 0.70 -25.03
CA TYR A 74 -6.33 1.06 -26.16
C TYR A 74 -6.44 2.56 -26.39
N LEU A 75 -5.46 3.32 -25.95
CA LEU A 75 -5.48 4.77 -26.11
C LEU A 75 -4.80 5.16 -27.41
N GLU A 76 -5.36 6.15 -28.09
CA GLU A 76 -4.75 6.75 -29.27
C GLU A 76 -4.59 8.26 -29.14
N ASN A 77 -5.62 8.96 -28.64
CA ASN A 77 -5.63 10.41 -28.52
C ASN A 77 -5.59 10.82 -27.05
N LYS A 78 -5.14 12.06 -26.81
CA LYS A 78 -5.17 12.62 -25.46
C LYS A 78 -6.58 12.59 -24.88
N ARG A 79 -7.58 12.85 -25.72
CA ARG A 79 -8.96 12.80 -25.28
C ARG A 79 -9.35 11.41 -24.78
N ASP A 80 -8.81 10.35 -25.40
CA ASP A 80 -9.11 9.00 -24.96
C ASP A 80 -8.78 8.79 -23.48
N ALA A 81 -7.66 9.35 -23.02
CA ALA A 81 -7.21 9.15 -21.65
C ALA A 81 -8.12 9.82 -20.63
N PHE A 82 -8.86 10.83 -21.03
CA PHE A 82 -9.74 11.56 -20.11
C PHE A 82 -11.19 11.11 -20.24
N PHE A 83 -11.46 10.09 -21.04
CA PHE A 83 -12.80 9.51 -21.17
C PHE A 83 -13.27 8.98 -19.81
N PRO A 84 -14.34 9.52 -19.24
CA PRO A 84 -14.72 9.21 -17.84
C PRO A 84 -14.89 7.72 -17.56
N PRO A 85 -15.48 6.93 -18.48
CA PRO A 85 -15.59 5.49 -18.20
C PRO A 85 -14.27 4.76 -17.95
N LEU A 86 -13.11 5.34 -18.28
CA LEU A 86 -11.84 4.66 -18.00
C LEU A 86 -11.70 4.32 -16.53
N HIS A 87 -12.01 5.29 -15.66
CA HIS A 87 -11.85 5.10 -14.22
C HIS A 87 -12.69 3.93 -13.73
N GLN A 88 -13.96 3.89 -14.14
CA GLN A 88 -14.85 2.81 -13.72
C GLN A 88 -14.40 1.44 -14.24
N PHE A 89 -13.83 1.40 -15.46
CA PHE A 89 -13.32 0.13 -15.98
C PHE A 89 -12.19 -0.37 -15.11
N CYS A 90 -11.28 0.52 -14.72
CA CYS A 90 -10.14 0.13 -13.90
C CYS A 90 -10.57 -0.29 -12.50
N THR A 91 -11.54 0.41 -11.90
CA THR A 91 -11.93 0.09 -10.53
C THR A 91 -12.93 -1.06 -10.45
N ASN A 92 -13.53 -1.45 -11.57
CA ASN A 92 -14.44 -2.58 -11.59
C ASN A 92 -13.84 -3.78 -10.87
N PRO A 93 -14.47 -4.28 -9.79
CA PRO A 93 -13.86 -5.40 -9.04
C PRO A 93 -13.67 -6.63 -9.88
N ASN A 94 -14.44 -6.79 -10.96
CA ASN A 94 -14.26 -7.93 -11.84
C ASN A 94 -12.97 -7.84 -12.65
N ASN A 95 -12.28 -6.70 -12.64
CA ASN A 95 -11.07 -6.53 -13.42
C ASN A 95 -9.89 -6.44 -12.46
N PRO A 96 -9.15 -7.52 -12.23
CA PRO A 96 -8.08 -7.44 -11.21
C PRO A 96 -6.94 -6.54 -11.62
N VAL A 97 -6.75 -6.35 -12.93
CA VAL A 97 -5.67 -5.55 -13.49
C VAL A 97 -6.22 -4.97 -14.78
N THR A 98 -5.75 -3.78 -15.13
CA THR A 98 -6.04 -3.18 -16.43
C THR A 98 -4.73 -2.68 -16.99
N VAL A 99 -4.45 -3.01 -18.24
CA VAL A 99 -3.29 -2.47 -18.93
C VAL A 99 -3.79 -1.40 -19.88
N ILE A 100 -3.26 -0.19 -19.74
CA ILE A 100 -3.66 0.96 -20.54
C ILE A 100 -2.58 1.12 -21.59
N ARG A 101 -2.88 0.68 -22.82
CA ARG A 101 -1.92 0.67 -23.91
C ARG A 101 -1.77 2.06 -24.51
N GLY A 102 -0.52 2.44 -24.78
CA GLY A 102 -0.27 3.70 -25.47
C GLY A 102 -0.51 4.93 -24.64
N LEU A 103 -0.50 4.82 -23.32
CA LEU A 103 -0.84 5.95 -22.49
C LEU A 103 0.16 7.10 -22.65
N ALA A 104 1.46 6.79 -22.63
CA ALA A 104 2.44 7.86 -22.72
C ALA A 104 2.37 8.57 -24.06
N GLY A 105 2.19 7.80 -25.15
CA GLY A 105 2.08 8.41 -26.47
C GLY A 105 0.83 9.24 -26.64
N ALA A 106 -0.30 8.78 -26.08
CA ALA A 106 -1.54 9.53 -26.19
C ALA A 106 -1.44 10.88 -25.49
N LEU A 107 -0.74 10.93 -24.37
CA LEU A 107 -0.58 12.15 -23.59
C LEU A 107 0.66 12.95 -24.00
N LYS A 108 1.47 12.44 -24.93
CA LYS A 108 2.76 13.06 -25.27
C LYS A 108 3.61 13.25 -24.02
N LEU A 109 3.56 12.25 -23.15
N LEU A 109 3.64 12.21 -23.18
CA LEU A 109 4.44 12.20 -22.00
CA LEU A 109 4.41 12.22 -21.95
C LEU A 109 5.88 12.02 -22.48
C LEU A 109 5.87 11.88 -22.24
N ASP A 110 6.79 12.80 -21.92
CA ASP A 110 8.21 12.66 -22.26
C ASP A 110 8.84 11.63 -21.33
N LEU A 111 8.82 10.36 -21.75
CA LEU A 111 9.47 9.29 -20.99
C LEU A 111 10.98 9.51 -20.86
N GLY A 112 11.58 10.28 -21.78
CA GLY A 112 12.99 10.58 -21.67
C GLY A 112 13.38 11.25 -20.38
N LEU A 113 12.45 11.95 -19.72
CA LEU A 113 12.75 12.57 -18.43
C LEU A 113 13.06 11.54 -17.36
N PHE A 114 12.72 10.27 -17.59
CA PHE A 114 12.95 9.21 -16.63
C PHE A 114 13.99 8.21 -17.14
N SER A 115 14.67 8.53 -18.24
CA SER A 115 15.72 7.66 -18.74
C SER A 115 16.91 7.68 -17.78
N THR A 116 17.69 6.61 -17.83
CA THR A 116 18.85 6.53 -16.95
C THR A 116 19.82 7.67 -17.23
N LYS A 117 20.00 8.02 -18.50
CA LYS A 117 20.88 9.13 -18.84
C LYS A 117 20.42 10.43 -18.18
N THR A 118 19.11 10.70 -18.22
CA THR A 118 18.58 11.92 -17.60
C THR A 118 18.72 11.85 -16.08
N LEU A 119 18.47 10.69 -15.48
CA LEU A 119 18.61 10.54 -14.04
C LEU A 119 20.04 10.79 -13.58
N VAL A 120 21.02 10.25 -14.32
CA VAL A 120 22.42 10.48 -13.95
C VAL A 120 22.76 11.97 -14.02
N GLU A 121 22.31 12.64 -15.08
CA GLU A 121 22.58 14.07 -15.20
C GLU A 121 21.92 14.85 -14.06
N ALA A 122 20.71 14.47 -13.67
CA ALA A 122 19.96 15.23 -12.69
C ALA A 122 20.45 15.02 -11.26
N ASN A 123 20.70 13.77 -10.85
CA ASN A 123 21.02 13.50 -9.45
C ASN A 123 21.88 12.23 -9.36
N ASN A 124 23.15 12.31 -9.78
CA ASN A 124 23.92 11.10 -9.90
C ASN A 124 24.25 10.46 -8.55
N GLU A 125 24.19 11.21 -7.45
CA GLU A 125 24.52 10.65 -6.14
C GLU A 125 23.29 10.15 -5.38
N HIS A 126 22.10 10.24 -5.98
CA HIS A 126 20.88 9.78 -5.33
C HIS A 126 20.94 8.29 -4.98
N MET A 127 20.27 7.92 -3.88
CA MET A 127 20.35 6.56 -3.37
C MET A 127 19.48 5.61 -4.17
N VAL A 128 19.96 4.38 -4.28
CA VAL A 128 19.26 3.27 -4.93
C VAL A 128 19.32 2.08 -4.00
N GLU A 129 18.18 1.45 -3.74
CA GLU A 129 18.13 0.23 -2.93
C GLU A 129 18.29 -0.95 -3.88
N VAL A 130 19.43 -1.61 -3.83
CA VAL A 130 19.73 -2.71 -4.74
C VAL A 130 19.19 -4.00 -4.18
N ARG A 131 18.49 -4.76 -5.02
CA ARG A 131 18.16 -6.14 -4.73
C ARG A 131 19.02 -7.02 -5.62
N THR A 132 19.84 -7.86 -5.00
CA THR A 132 20.71 -8.77 -5.72
C THR A 132 20.00 -10.12 -5.82
N GLN A 133 19.81 -10.58 -7.05
CA GLN A 133 18.95 -11.72 -7.34
C GLN A 133 19.65 -12.67 -8.29
N LEU A 134 19.05 -13.85 -8.47
CA LEU A 134 19.50 -14.81 -9.47
C LEU A 134 18.69 -14.62 -10.74
N LEU A 135 19.37 -14.67 -11.88
CA LEU A 135 18.71 -14.58 -13.19
C LEU A 135 18.00 -15.90 -13.45
N GLN A 136 16.67 -15.89 -13.38
CA GLN A 136 15.91 -17.13 -13.44
C GLN A 136 15.30 -17.30 -14.82
N PRO A 137 15.02 -18.54 -15.25
CA PRO A 137 14.54 -18.74 -16.63
C PRO A 137 13.04 -18.49 -16.74
N ALA A 138 12.67 -17.61 -17.66
CA ALA A 138 11.27 -17.32 -18.01
C ALA A 138 10.38 -17.07 -16.79
N ASP A 139 9.35 -17.89 -16.60
CA ASP A 139 8.39 -17.73 -15.51
C ASP A 139 8.71 -18.58 -14.28
N GLU A 140 9.89 -19.18 -14.22
CA GLU A 140 10.22 -20.19 -13.22
C GLU A 140 11.09 -19.61 -12.12
N ASN A 141 11.17 -20.34 -11.01
CA ASN A 141 12.10 -20.00 -9.94
C ASN A 141 12.69 -21.28 -9.38
N TRP A 142 14.00 -21.47 -9.58
CA TRP A 142 14.70 -22.65 -9.14
C TRP A 142 15.56 -22.35 -7.91
N ASP A 143 15.83 -23.41 -7.13
N ASP A 143 15.83 -23.39 -7.12
CA ASP A 143 16.81 -23.31 -6.06
CA ASP A 143 16.79 -23.27 -6.04
C ASP A 143 18.15 -22.88 -6.63
C ASP A 143 18.16 -22.93 -6.61
N PRO A 144 19.03 -22.30 -5.82
CA PRO A 144 20.32 -21.83 -6.36
C PRO A 144 21.16 -22.93 -7.00
N THR A 145 20.94 -24.20 -6.68
CA THR A 145 21.65 -25.29 -7.34
C THR A 145 21.01 -25.76 -8.64
N GLY A 146 19.91 -25.12 -9.07
CA GLY A 146 19.28 -25.51 -10.32
C GLY A 146 18.70 -26.90 -10.33
N THR A 147 18.26 -27.39 -9.18
CA THR A 147 17.78 -28.77 -9.04
C THR A 147 16.27 -28.89 -9.09
N LYS A 148 15.55 -28.02 -8.39
CA LYS A 148 14.10 -28.11 -8.34
C LYS A 148 13.52 -26.70 -8.26
N LYS A 149 12.24 -26.60 -8.63
CA LYS A 149 11.55 -25.32 -8.57
C LYS A 149 11.06 -25.07 -7.15
N ILE A 150 11.30 -23.87 -6.64
CA ILE A 150 10.93 -23.51 -5.29
C ILE A 150 10.26 -22.15 -5.30
N TRP A 151 9.55 -21.86 -4.22
CA TRP A 151 8.86 -20.59 -4.11
C TRP A 151 9.74 -19.48 -3.56
N HIS A 152 10.80 -19.80 -2.82
CA HIS A 152 11.59 -18.74 -2.21
C HIS A 152 12.40 -18.00 -3.26
N CYS A 153 12.31 -16.66 -3.24
CA CYS A 153 12.92 -15.81 -4.25
C CYS A 153 14.06 -15.04 -3.59
N GLU A 154 15.30 -15.41 -3.91
N GLU A 154 15.31 -15.42 -3.91
CA GLU A 154 16.47 -14.76 -3.32
CA GLU A 154 16.47 -14.75 -3.32
C GLU A 154 16.55 -13.32 -3.79
C GLU A 154 16.53 -13.31 -3.79
N SER A 155 16.60 -12.38 -2.84
CA SER A 155 16.57 -10.96 -3.18
C SER A 155 17.16 -10.16 -2.01
N ASN A 156 18.48 -10.03 -1.98
CA ASN A 156 19.21 -9.47 -0.86
C ASN A 156 19.51 -7.98 -1.06
N ARG A 157 19.48 -7.24 0.05
CA ARG A 157 19.48 -5.78 0.04
C ARG A 157 20.88 -5.20 0.16
N SER A 158 21.10 -4.10 -0.56
CA SER A 158 22.27 -3.24 -0.43
C SER A 158 21.87 -1.86 -0.96
N HIS A 159 22.78 -0.90 -0.88
CA HIS A 159 22.46 0.44 -1.35
C HIS A 159 23.63 1.01 -2.15
N THR A 160 23.30 1.71 -3.23
CA THR A 160 24.30 2.30 -4.11
C THR A 160 23.80 3.68 -4.54
N THR A 161 24.44 4.27 -5.53
CA THR A 161 24.02 5.52 -6.13
C THR A 161 23.43 5.29 -7.50
N ILE A 162 22.67 6.28 -7.97
CA ILE A 162 22.20 6.25 -9.36
C ILE A 162 23.38 6.13 -10.31
N ALA A 163 24.43 6.90 -10.08
CA ALA A 163 25.57 6.84 -10.98
C ALA A 163 26.12 5.43 -11.10
N LYS A 164 26.23 4.73 -9.97
CA LYS A 164 26.85 3.41 -9.99
C LYS A 164 25.89 2.35 -10.51
N TYR A 165 24.60 2.44 -10.18
CA TYR A 165 23.68 1.49 -10.79
C TYR A 165 23.59 1.70 -12.30
N ALA A 166 23.55 2.97 -12.74
CA ALA A 166 23.53 3.27 -14.16
C ALA A 166 24.70 2.65 -14.90
N GLN A 167 25.90 2.72 -14.32
CA GLN A 167 27.05 2.07 -14.95
C GLN A 167 26.82 0.58 -15.09
N TYR A 168 26.26 -0.06 -14.05
CA TYR A 168 25.99 -1.49 -14.11
C TYR A 168 24.94 -1.81 -15.16
N GLN A 169 23.84 -1.04 -15.16
CA GLN A 169 22.77 -1.28 -16.13
C GLN A 169 23.27 -1.14 -17.56
N ALA A 170 24.13 -0.14 -17.81
CA ALA A 170 24.68 0.04 -19.15
C ALA A 170 25.68 -1.05 -19.50
N SER A 171 26.52 -1.45 -18.54
CA SER A 171 27.50 -2.50 -18.82
C SER A 171 26.81 -3.84 -19.01
N SER A 172 25.74 -4.10 -18.25
CA SER A 172 24.95 -5.30 -18.46
C SER A 172 24.47 -5.38 -19.90
N PHE A 173 23.99 -4.25 -20.43
CA PHE A 173 23.46 -4.25 -21.78
C PHE A 173 24.55 -4.48 -22.82
N GLN A 174 25.72 -3.84 -22.64
CA GLN A 174 26.82 -4.03 -23.59
C GLN A 174 27.30 -5.47 -23.58
N GLU A 175 27.37 -6.08 -22.40
CA GLU A 175 27.80 -7.46 -22.29
C GLU A 175 26.89 -8.39 -23.07
N SER A 176 25.58 -8.16 -23.02
CA SER A 176 24.64 -9.02 -23.75
C SER A 176 24.73 -8.79 -25.25
N LEU A 177 25.01 -7.55 -25.67
CA LEU A 177 25.21 -7.26 -27.08
C LEU A 177 26.35 -8.07 -27.69
N ARG A 178 27.30 -8.54 -26.88
CA ARG A 178 28.34 -9.44 -27.34
C ARG A 178 27.87 -10.90 -27.41
N GLU A 179 26.63 -11.12 -27.84
CA GLU A 179 26.04 -12.44 -28.07
C GLU A 179 25.88 -13.26 -26.79
N GLU A 180 26.45 -12.80 -25.68
CA GLU A 180 26.29 -13.47 -24.38
C GLU A 180 26.78 -12.58 -23.24
N PRO A 208 23.44 -22.85 -11.37
CA PRO A 208 24.34 -22.15 -12.27
C PRO A 208 23.69 -20.93 -12.93
N PHE A 209 23.16 -20.03 -12.10
CA PHE A 209 22.47 -18.84 -12.56
C PHE A 209 23.34 -17.61 -12.38
N LYS A 210 23.26 -16.69 -13.34
CA LYS A 210 23.95 -15.41 -13.20
C LYS A 210 23.36 -14.62 -12.04
N THR A 211 24.21 -13.85 -11.37
CA THR A 211 23.74 -12.88 -10.38
C THR A 211 23.39 -11.58 -11.10
N ILE A 212 22.25 -11.00 -10.76
CA ILE A 212 21.84 -9.72 -11.32
C ILE A 212 21.48 -8.76 -10.19
N LYS A 213 21.41 -7.48 -10.53
CA LYS A 213 21.10 -6.44 -9.56
C LYS A 213 19.94 -5.59 -10.07
N PHE A 214 18.97 -5.37 -9.18
CA PHE A 214 17.73 -4.65 -9.45
C PHE A 214 17.78 -3.34 -8.65
N GLY A 215 17.73 -2.21 -9.34
CA GLY A 215 17.71 -0.93 -8.65
C GLY A 215 16.30 -0.51 -8.24
N THR A 216 16.00 -0.48 -6.95
CA THR A 216 14.64 -0.31 -6.47
C THR A 216 14.50 0.94 -5.59
N ASN A 217 13.24 1.37 -5.46
CA ASN A 217 12.81 2.32 -4.43
C ASN A 217 13.61 3.62 -4.48
N ILE A 218 13.82 4.13 -5.69
CA ILE A 218 14.52 5.39 -5.87
C ILE A 218 13.53 6.53 -5.60
N ASP A 219 13.85 7.35 -4.60
CA ASP A 219 12.89 8.29 -4.03
C ASP A 219 12.77 9.53 -4.91
N LEU A 220 11.65 9.68 -5.62
CA LEU A 220 11.41 10.86 -6.46
C LEU A 220 10.44 11.83 -5.80
N SER A 221 10.49 11.97 -4.47
CA SER A 221 9.57 12.84 -3.76
C SER A 221 10.03 14.29 -3.68
N ASP A 222 11.33 14.57 -3.83
CA ASP A 222 11.84 15.93 -3.63
C ASP A 222 11.64 16.73 -4.90
N ASP A 223 10.65 17.64 -4.88
CA ASP A 223 10.32 18.42 -6.07
C ASP A 223 11.42 19.39 -6.48
N LYS A 224 12.38 19.67 -5.59
CA LYS A 224 13.50 20.54 -5.99
C LYS A 224 14.62 19.74 -6.65
N LYS A 225 14.61 18.41 -6.53
CA LYS A 225 15.55 17.58 -7.28
C LYS A 225 14.95 16.97 -8.54
N TRP A 226 13.62 16.89 -8.63
CA TRP A 226 12.94 16.15 -9.69
C TRP A 226 11.82 16.99 -10.29
N LYS A 227 12.00 18.31 -10.35
CA LYS A 227 10.93 19.22 -10.74
C LYS A 227 10.33 18.85 -12.10
N LEU A 228 11.19 18.60 -13.10
CA LEU A 228 10.68 18.35 -14.45
C LEU A 228 9.99 17.00 -14.52
N GLN A 229 10.57 15.99 -13.85
CA GLN A 229 9.95 14.67 -13.79
C GLN A 229 8.56 14.73 -13.18
N LEU A 230 8.43 15.36 -12.02
CA LEU A 230 7.15 15.35 -11.33
C LEU A 230 6.13 16.19 -12.08
N HIS A 231 6.56 17.29 -12.69
CA HIS A 231 5.61 18.10 -13.47
C HIS A 231 5.04 17.29 -14.64
N GLU A 232 5.86 16.43 -15.24
CA GLU A 232 5.40 15.64 -16.37
C GLU A 232 4.23 14.74 -15.97
N LEU A 233 4.19 14.27 -14.74
CA LEU A 233 3.13 13.36 -14.30
C LEU A 233 1.83 14.10 -13.97
N THR A 234 1.85 15.43 -13.91
CA THR A 234 0.61 16.18 -13.77
C THR A 234 -0.24 16.13 -15.04
N LYS A 235 0.31 15.65 -16.16
CA LYS A 235 -0.46 15.49 -17.39
C LYS A 235 -1.38 14.28 -17.34
N LEU A 236 -1.24 13.42 -16.34
CA LEU A 236 -2.05 12.22 -16.27
C LEU A 236 -3.49 12.57 -15.90
N PRO A 237 -4.45 11.74 -16.29
CA PRO A 237 -5.83 11.93 -15.81
C PRO A 237 -5.91 11.77 -14.30
N ALA A 238 -6.92 12.40 -13.70
CA ALA A 238 -6.93 12.54 -12.23
C ALA A 238 -6.91 11.17 -11.53
N PHE A 239 -7.57 10.17 -12.11
CA PHE A 239 -7.75 8.93 -11.36
C PHE A 239 -6.47 8.12 -11.20
N VAL A 240 -5.39 8.47 -11.91
CA VAL A 240 -4.10 7.83 -11.71
C VAL A 240 -3.03 8.78 -11.21
N ARG A 241 -3.36 10.04 -10.96
CA ARG A 241 -2.35 10.98 -10.49
C ARG A 241 -1.90 10.68 -9.06
N VAL A 242 -0.64 11.02 -8.79
CA VAL A 242 -0.04 10.84 -7.47
C VAL A 242 -0.82 11.62 -6.42
N VAL A 243 -1.25 12.83 -6.75
CA VAL A 243 -2.03 13.69 -5.87
C VAL A 243 -3.34 14.04 -6.55
N SER A 244 -4.45 13.86 -5.84
CA SER A 244 -5.75 14.25 -6.36
C SER A 244 -6.75 14.33 -5.22
N ALA A 245 -7.77 15.18 -5.40
CA ALA A 245 -8.81 15.28 -4.38
C ALA A 245 -9.52 13.94 -4.18
N GLY A 246 -9.68 13.16 -5.25
CA GLY A 246 -10.35 11.88 -5.22
C GLY A 246 -9.47 10.70 -4.86
N ASN A 247 -8.25 10.96 -4.39
CA ASN A 247 -7.30 9.92 -4.02
C ASN A 247 -7.22 9.88 -2.49
N LEU A 248 -7.64 8.76 -1.90
CA LEU A 248 -7.62 8.66 -0.44
C LEU A 248 -6.23 8.93 0.12
N LEU A 249 -5.18 8.54 -0.60
CA LEU A 249 -3.84 8.73 -0.07
C LEU A 249 -3.43 10.19 -0.06
N SER A 250 -4.11 11.04 -0.83
CA SER A 250 -3.86 12.47 -0.75
C SER A 250 -4.48 13.10 0.49
N HIS A 251 -5.25 12.33 1.26
CA HIS A 251 -5.87 12.79 2.49
C HIS A 251 -5.15 12.29 3.74
N VAL A 252 -4.08 11.51 3.57
CA VAL A 252 -3.28 11.09 4.72
C VAL A 252 -2.74 12.31 5.47
N GLY A 253 -2.32 13.34 4.73
CA GLY A 253 -1.79 14.54 5.34
C GLY A 253 -0.30 14.55 5.56
N HIS A 254 0.38 13.46 5.22
CA HIS A 254 1.83 13.37 5.32
C HIS A 254 2.31 12.34 4.30
N THR A 255 3.63 12.32 4.10
CA THR A 255 4.22 11.46 3.07
C THR A 255 4.23 10.00 3.51
N ILE A 256 3.73 9.12 2.65
CA ILE A 256 3.92 7.69 2.78
C ILE A 256 4.78 7.30 1.57
N LEU A 257 6.08 7.12 1.79
CA LEU A 257 7.03 7.08 0.68
C LEU A 257 6.71 5.95 -0.28
N GLY A 258 6.62 6.28 -1.57
CA GLY A 258 6.33 5.29 -2.60
C GLY A 258 4.86 4.96 -2.76
N MET A 259 4.00 5.42 -1.87
CA MET A 259 2.55 5.31 -2.06
C MET A 259 1.95 6.62 -2.53
N ASN A 260 2.10 7.71 -1.75
CA ASN A 260 1.66 9.01 -2.24
C ASN A 260 2.84 9.87 -2.67
N THR A 261 3.98 9.25 -2.94
CA THR A 261 5.08 9.85 -3.67
C THR A 261 5.56 8.84 -4.71
N VAL A 262 6.30 9.33 -5.71
CA VAL A 262 6.75 8.49 -6.81
C VAL A 262 8.05 7.80 -6.45
N GLN A 263 8.15 6.52 -6.76
CA GLN A 263 9.44 5.83 -6.70
C GLN A 263 9.79 5.33 -8.10
N LEU A 264 11.08 5.32 -8.39
CA LEU A 264 11.59 4.87 -9.68
C LEU A 264 12.42 3.60 -9.50
N TYR A 265 12.37 2.75 -10.54
CA TYR A 265 13.00 1.43 -10.55
C TYR A 265 13.84 1.33 -11.81
N MET A 266 15.10 0.91 -11.66
CA MET A 266 16.03 0.73 -12.77
C MET A 266 16.34 -0.75 -12.88
N LYS A 267 16.19 -1.33 -14.07
CA LYS A 267 16.19 -2.78 -14.19
C LYS A 267 17.11 -3.29 -15.29
N VAL A 268 17.57 -4.52 -15.06
CA VAL A 268 18.19 -5.36 -16.07
C VAL A 268 17.30 -6.58 -16.25
N PRO A 269 17.41 -7.27 -17.37
CA PRO A 269 16.56 -8.46 -17.59
C PRO A 269 16.62 -9.43 -16.41
N GLY A 270 15.45 -9.88 -15.98
CA GLY A 270 15.34 -10.80 -14.86
C GLY A 270 15.04 -10.13 -13.53
N SER A 271 15.12 -8.80 -13.45
CA SER A 271 14.83 -8.10 -12.21
C SER A 271 13.38 -8.33 -11.79
N ARG A 272 13.18 -8.90 -10.60
CA ARG A 272 11.87 -9.34 -10.16
C ARG A 272 11.38 -8.57 -8.94
N THR A 273 10.11 -8.20 -9.01
CA THR A 273 9.34 -7.84 -7.82
C THR A 273 8.50 -9.05 -7.45
N PRO A 274 8.81 -9.77 -6.38
CA PRO A 274 8.11 -11.04 -6.12
C PRO A 274 6.71 -10.82 -5.57
N GLY A 275 6.05 -11.94 -5.25
CA GLY A 275 4.63 -11.95 -4.95
C GLY A 275 4.19 -11.05 -3.82
N HIS A 276 3.15 -10.25 -4.04
CA HIS A 276 2.65 -9.37 -2.99
C HIS A 276 1.23 -8.92 -3.29
N GLN A 277 0.57 -8.44 -2.26
CA GLN A 277 -0.49 -7.47 -2.40
C GLN A 277 0.06 -6.11 -2.01
N GLU A 278 -0.51 -5.06 -2.58
CA GLU A 278 -0.09 -3.71 -2.22
C GLU A 278 -0.31 -3.46 -0.73
N ASN A 279 0.46 -2.51 -0.19
CA ASN A 279 0.26 -2.10 1.21
C ASN A 279 -1.19 -1.71 1.44
N ASN A 280 -1.81 -2.34 2.44
CA ASN A 280 -3.21 -2.10 2.79
C ASN A 280 -4.13 -2.15 1.56
N ASN A 281 -3.78 -2.99 0.59
CA ASN A 281 -4.63 -3.30 -0.56
C ASN A 281 -4.97 -2.08 -1.41
N PHE A 282 -4.14 -1.03 -1.40
CA PHE A 282 -4.41 0.13 -2.23
C PHE A 282 -4.08 -0.15 -3.69
N CYS A 283 -4.87 0.44 -4.58
CA CYS A 283 -4.59 0.32 -6.00
C CYS A 283 -3.19 0.86 -6.30
N SER A 284 -2.62 0.40 -7.41
CA SER A 284 -1.28 0.89 -7.74
C SER A 284 -1.19 1.18 -9.23
N VAL A 285 -0.26 2.08 -9.56
CA VAL A 285 -0.05 2.64 -10.89
C VAL A 285 1.41 2.41 -11.25
N ASN A 286 1.67 1.89 -12.46
CA ASN A 286 3.04 1.63 -12.87
C ASN A 286 3.18 2.02 -14.33
N ILE A 287 4.16 2.87 -14.65
CA ILE A 287 4.45 3.19 -16.06
C ILE A 287 5.84 2.66 -16.40
N ASN A 288 5.93 1.91 -17.49
CA ASN A 288 7.21 1.41 -17.99
C ASN A 288 7.88 2.52 -18.83
N ILE A 289 9.07 2.96 -18.42
CA ILE A 289 9.79 3.99 -19.17
C ILE A 289 10.42 3.40 -20.42
N GLY A 290 10.73 2.11 -20.41
CA GLY A 290 11.44 1.49 -21.50
C GLY A 290 12.93 1.59 -21.30
N PRO A 291 13.71 1.17 -22.30
CA PRO A 291 13.24 0.76 -23.63
C PRO A 291 12.72 -0.67 -23.72
N GLY A 292 13.01 -1.50 -22.71
CA GLY A 292 12.58 -2.88 -22.72
C GLY A 292 11.20 -3.06 -22.09
N ASP A 293 10.74 -4.32 -22.12
CA ASP A 293 9.41 -4.73 -21.66
C ASP A 293 9.46 -5.34 -20.26
N CYS A 294 8.30 -5.31 -19.59
CA CYS A 294 8.10 -6.02 -18.34
C CYS A 294 6.99 -7.04 -18.50
N GLU A 295 7.07 -8.11 -17.72
CA GLU A 295 6.08 -9.18 -17.73
C GLU A 295 5.39 -9.26 -16.38
N TRP A 296 4.06 -9.23 -16.42
CA TRP A 296 3.24 -9.17 -15.23
C TRP A 296 2.48 -10.48 -15.05
N PHE A 297 2.35 -10.91 -13.80
CA PHE A 297 1.58 -12.09 -13.40
C PHE A 297 0.59 -11.66 -12.32
N VAL A 298 -0.70 -11.92 -12.53
CA VAL A 298 -1.76 -11.31 -11.72
C VAL A 298 -2.78 -12.38 -11.33
N VAL A 299 -3.15 -12.41 -10.05
CA VAL A 299 -4.19 -13.32 -9.54
C VAL A 299 -5.25 -12.49 -8.84
N PRO A 300 -6.55 -12.77 -9.04
CA PRO A 300 -7.59 -11.93 -8.42
C PRO A 300 -7.52 -11.95 -6.90
N GLU A 301 -7.95 -10.82 -6.31
CA GLU A 301 -7.92 -10.63 -4.87
C GLU A 301 -8.54 -11.80 -4.13
N GLY A 302 -9.63 -12.35 -4.66
CA GLY A 302 -10.35 -13.40 -3.94
C GLY A 302 -9.55 -14.66 -3.69
N TYR A 303 -8.44 -14.85 -4.41
CA TYR A 303 -7.57 -16.00 -4.22
C TYR A 303 -6.41 -15.75 -3.26
N TRP A 304 -6.39 -14.62 -2.55
CA TRP A 304 -5.22 -14.35 -1.73
C TRP A 304 -5.07 -15.34 -0.58
N GLY A 305 -6.18 -15.91 -0.11
CA GLY A 305 -6.09 -16.95 0.90
C GLY A 305 -5.41 -18.21 0.38
N VAL A 306 -5.72 -18.61 -0.86
CA VAL A 306 -5.04 -19.76 -1.47
C VAL A 306 -3.54 -19.48 -1.61
N LEU A 307 -3.18 -18.25 -2.01
CA LEU A 307 -1.77 -17.92 -2.13
C LEU A 307 -1.11 -17.90 -0.75
N ASN A 308 -1.81 -17.37 0.25
CA ASN A 308 -1.30 -17.42 1.61
C ASN A 308 -1.01 -18.87 2.02
N ASP A 309 -1.93 -19.77 1.70
N ASP A 309 -1.94 -19.78 1.70
CA ASP A 309 -1.72 -21.17 2.08
CA ASP A 309 -1.74 -21.18 2.05
C ASP A 309 -0.54 -21.77 1.32
C ASP A 309 -0.56 -21.78 1.32
N PHE A 310 -0.41 -21.46 0.02
CA PHE A 310 0.76 -21.91 -0.72
C PHE A 310 2.06 -21.43 -0.07
N CYS A 311 2.07 -20.17 0.39
CA CYS A 311 3.28 -19.67 1.04
C CYS A 311 3.58 -20.44 2.32
N GLU A 312 2.57 -20.63 3.16
CA GLU A 312 2.76 -21.39 4.41
C GLU A 312 3.23 -22.80 4.13
N LYS A 313 2.61 -23.48 3.15
CA LYS A 313 3.03 -24.84 2.81
C LYS A 313 4.48 -24.88 2.32
N ASN A 314 5.00 -23.78 1.81
CA ASN A 314 6.38 -23.68 1.36
C ASN A 314 7.27 -22.97 2.39
N ASN A 315 6.81 -22.90 3.64
CA ASN A 315 7.58 -22.33 4.75
C ASN A 315 7.94 -20.88 4.47
N LEU A 316 7.01 -20.14 3.89
CA LEU A 316 7.25 -18.73 3.60
C LEU A 316 6.11 -17.89 4.16
N ASN A 317 6.43 -16.64 4.49
CA ASN A 317 5.43 -15.72 5.01
C ASN A 317 4.80 -14.96 3.84
N PHE A 318 3.46 -15.02 3.74
CA PHE A 318 2.76 -14.36 2.64
C PHE A 318 3.02 -12.86 2.63
N LEU A 319 2.79 -12.18 3.77
CA LEU A 319 2.84 -10.72 3.81
C LEU A 319 4.26 -10.18 3.74
N MET A 320 5.23 -10.88 4.33
CA MET A 320 6.57 -10.33 4.49
C MET A 320 7.67 -11.12 3.80
N GLY A 321 7.40 -12.35 3.35
CA GLY A 321 8.41 -13.18 2.72
C GLY A 321 8.62 -12.81 1.27
N SER A 322 9.60 -13.48 0.67
CA SER A 322 10.01 -13.24 -0.71
C SER A 322 9.69 -14.50 -1.51
N TRP A 323 8.64 -14.46 -2.32
CA TRP A 323 8.17 -15.68 -2.94
C TRP A 323 7.75 -15.44 -4.38
N TRP A 324 8.01 -16.44 -5.23
CA TRP A 324 7.72 -16.36 -6.66
C TRP A 324 6.92 -17.60 -7.02
N PRO A 325 5.62 -17.47 -7.29
CA PRO A 325 4.77 -18.65 -7.46
C PRO A 325 5.23 -19.56 -8.58
N ASN A 326 5.04 -20.86 -8.35
CA ASN A 326 5.19 -21.87 -9.38
C ASN A 326 3.86 -21.98 -10.12
N LEU A 327 3.86 -21.60 -11.40
CA LEU A 327 2.61 -21.57 -12.14
C LEU A 327 1.96 -22.95 -12.24
N GLU A 328 2.76 -24.01 -12.18
CA GLU A 328 2.18 -25.35 -12.22
C GLU A 328 1.38 -25.63 -10.94
N ASP A 329 1.87 -25.17 -9.79
CA ASP A 329 1.09 -25.29 -8.55
C ASP A 329 -0.23 -24.52 -8.65
N LEU A 330 -0.20 -23.31 -9.19
CA LEU A 330 -1.43 -22.53 -9.27
C LEU A 330 -2.43 -23.17 -10.21
N TYR A 331 -1.96 -23.70 -11.35
CA TYR A 331 -2.85 -24.35 -12.29
C TYR A 331 -3.51 -25.57 -11.66
N GLU A 332 -2.74 -26.38 -10.94
CA GLU A 332 -3.30 -27.56 -10.29
C GLU A 332 -4.42 -27.17 -9.32
N ALA A 333 -4.26 -26.02 -8.65
CA ALA A 333 -5.22 -25.60 -7.65
C ALA A 333 -6.35 -24.74 -8.24
N ASN A 334 -6.46 -24.67 -9.56
CA ASN A 334 -7.51 -23.93 -10.25
C ASN A 334 -7.50 -22.44 -9.87
N VAL A 335 -6.30 -21.87 -9.78
CA VAL A 335 -6.12 -20.44 -9.56
C VAL A 335 -5.90 -19.77 -10.91
N PRO A 336 -6.74 -18.80 -11.30
CA PRO A 336 -6.55 -18.16 -12.60
C PRO A 336 -5.40 -17.16 -12.52
N VAL A 337 -4.63 -17.09 -13.61
CA VAL A 337 -3.47 -16.20 -13.69
C VAL A 337 -3.59 -15.35 -14.95
N TYR A 338 -3.65 -14.04 -14.78
CA TYR A 338 -3.52 -13.11 -15.88
C TYR A 338 -2.04 -12.89 -16.14
N ARG A 339 -1.62 -12.97 -17.39
CA ARG A 339 -0.20 -12.85 -17.70
C ARG A 339 -0.07 -12.01 -18.95
N PHE A 340 0.71 -10.94 -18.89
CA PHE A 340 0.80 -10.04 -20.02
C PHE A 340 2.12 -9.28 -19.99
N ILE A 341 2.41 -8.59 -21.08
CA ILE A 341 3.63 -7.80 -21.25
C ILE A 341 3.25 -6.33 -21.19
N GLN A 342 4.00 -5.57 -20.40
CA GLN A 342 3.87 -4.11 -20.33
C GLN A 342 5.01 -3.52 -21.14
N ARG A 343 4.66 -2.82 -22.22
CA ARG A 343 5.64 -2.21 -23.11
C ARG A 343 5.97 -0.82 -22.62
N PRO A 344 7.02 -0.20 -23.15
CA PRO A 344 7.28 1.21 -22.78
C PRO A 344 6.07 2.06 -23.10
N GLY A 345 5.71 2.94 -22.15
CA GLY A 345 4.58 3.83 -22.31
C GLY A 345 3.25 3.24 -21.91
N ASP A 346 3.21 1.96 -21.57
CA ASP A 346 2.00 1.30 -21.10
C ASP A 346 1.87 1.51 -19.59
N LEU A 347 0.65 1.81 -19.15
CA LEU A 347 0.38 1.99 -17.73
C LEU A 347 -0.35 0.75 -17.22
N VAL A 348 0.12 0.19 -16.11
CA VAL A 348 -0.53 -0.96 -15.48
C VAL A 348 -1.26 -0.46 -14.23
N TRP A 349 -2.57 -0.70 -14.19
CA TRP A 349 -3.40 -0.42 -13.05
C TRP A 349 -3.66 -1.73 -12.33
N ILE A 350 -3.20 -1.83 -11.08
CA ILE A 350 -3.46 -2.99 -10.23
C ILE A 350 -4.62 -2.63 -9.31
N ASN A 351 -5.73 -3.37 -9.44
CA ASN A 351 -6.92 -3.09 -8.65
C ASN A 351 -6.70 -3.53 -7.20
N ALA A 352 -7.65 -3.16 -6.33
CA ALA A 352 -7.45 -3.28 -4.88
C ALA A 352 -7.32 -4.75 -4.47
N GLY A 353 -6.19 -5.08 -3.81
CA GLY A 353 -5.96 -6.42 -3.29
C GLY A 353 -5.52 -7.45 -4.33
N THR A 354 -5.35 -7.05 -5.58
CA THR A 354 -4.90 -8.02 -6.58
C THR A 354 -3.52 -8.53 -6.20
N VAL A 355 -3.34 -9.86 -6.27
CA VAL A 355 -2.06 -10.49 -5.98
C VAL A 355 -1.21 -10.52 -7.25
N HIS A 356 0.06 -10.13 -7.16
CA HIS A 356 0.80 -10.03 -8.41
C HIS A 356 2.30 -10.10 -8.18
N TRP A 357 3.03 -10.34 -9.27
CA TRP A 357 4.48 -10.40 -9.29
C TRP A 357 4.95 -10.08 -10.70
N VAL A 358 6.16 -9.53 -10.81
CA VAL A 358 6.59 -8.83 -12.03
C VAL A 358 8.06 -9.10 -12.31
N GLN A 359 8.41 -9.17 -13.59
CA GLN A 359 9.82 -9.24 -13.95
C GLN A 359 10.12 -8.41 -15.18
N ALA A 360 11.34 -7.88 -15.23
CA ALA A 360 11.83 -7.25 -16.44
C ALA A 360 12.21 -8.32 -17.46
N ILE A 361 11.77 -8.12 -18.69
CA ILE A 361 12.22 -8.94 -19.81
C ILE A 361 13.47 -8.33 -20.44
N GLY A 362 13.47 -7.00 -20.61
CA GLY A 362 14.62 -6.31 -21.17
C GLY A 362 15.21 -5.34 -20.17
N TRP A 363 15.93 -4.34 -20.67
CA TRP A 363 16.46 -3.26 -19.84
C TRP A 363 15.46 -2.11 -19.85
N CYS A 364 15.05 -1.67 -18.66
CA CYS A 364 14.06 -0.59 -18.62
C CYS A 364 14.06 0.03 -17.24
N ASN A 365 13.45 1.21 -17.16
CA ASN A 365 13.06 1.80 -15.89
C ASN A 365 11.54 1.79 -15.78
N ASN A 366 11.04 1.84 -14.55
CA ASN A 366 9.61 1.97 -14.28
C ASN A 366 9.41 3.02 -13.21
N ILE A 367 8.25 3.68 -13.23
CA ILE A 367 7.86 4.54 -12.10
C ILE A 367 6.54 4.01 -11.55
N ALA A 368 6.37 4.16 -10.23
CA ALA A 368 5.23 3.52 -9.60
C ALA A 368 4.82 4.28 -8.35
N TRP A 369 3.52 4.26 -8.07
CA TRP A 369 2.97 4.80 -6.83
C TRP A 369 1.63 4.12 -6.60
N ASN A 370 0.90 4.55 -5.56
CA ASN A 370 -0.41 3.98 -5.29
C ASN A 370 -1.47 5.07 -5.39
N VAL A 371 -2.72 4.65 -5.57
CA VAL A 371 -3.86 5.56 -5.46
C VAL A 371 -4.97 4.81 -4.72
N GLY A 372 -5.82 5.57 -4.05
CA GLY A 372 -6.98 5.00 -3.43
C GLY A 372 -8.28 5.61 -3.93
N PRO A 373 -8.97 4.93 -4.84
CA PRO A 373 -10.28 5.42 -5.29
C PRO A 373 -11.20 5.63 -4.11
N LEU A 374 -12.05 6.66 -4.22
CA LEU A 374 -13.04 6.96 -3.18
C LEU A 374 -14.23 6.01 -3.36
N THR A 375 -14.02 4.76 -2.97
CA THR A 375 -15.02 3.72 -3.17
C THR A 375 -15.15 2.85 -1.93
N ALA A 376 -16.35 2.28 -1.76
CA ALA A 376 -16.55 1.36 -0.66
C ALA A 376 -15.62 0.15 -0.77
N CYS A 377 -15.41 -0.36 -1.98
N CYS A 377 -15.42 -0.36 -1.99
CA CYS A 377 -14.54 -1.52 -2.16
CA CYS A 377 -14.53 -1.50 -2.20
C CYS A 377 -13.11 -1.20 -1.71
C CYS A 377 -13.12 -1.20 -1.72
N GLN A 378 -12.56 -0.07 -2.16
CA GLN A 378 -11.19 0.27 -1.75
C GLN A 378 -11.09 0.43 -0.24
N TYR A 379 -12.02 1.17 0.36
CA TYR A 379 -11.96 1.39 1.80
C TYR A 379 -12.12 0.08 2.57
N LYS A 380 -13.07 -0.76 2.15
CA LYS A 380 -13.31 -2.04 2.82
C LYS A 380 -12.04 -2.89 2.81
N LEU A 381 -11.41 -3.04 1.65
CA LEU A 381 -10.23 -3.89 1.56
C LEU A 381 -9.05 -3.31 2.33
N ALA A 382 -8.93 -1.98 2.39
CA ALA A 382 -7.85 -1.35 3.15
C ALA A 382 -8.04 -1.55 4.65
N VAL A 383 -9.28 -1.42 5.12
CA VAL A 383 -9.57 -1.68 6.53
C VAL A 383 -9.39 -3.16 6.85
N GLU A 384 -9.83 -4.05 5.95
CA GLU A 384 -9.66 -5.49 6.20
C GLU A 384 -8.19 -5.85 6.36
N ARG A 385 -7.34 -5.35 5.47
CA ARG A 385 -5.92 -5.68 5.59
C ARG A 385 -5.30 -4.99 6.80
N TYR A 386 -5.75 -3.79 7.14
CA TYR A 386 -5.31 -3.15 8.37
C TYR A 386 -5.56 -4.06 9.58
N GLU A 387 -6.76 -4.63 9.65
CA GLU A 387 -7.09 -5.51 10.78
C GLU A 387 -6.28 -6.81 10.72
N TRP A 388 -6.16 -7.40 9.54
CA TRP A 388 -5.35 -8.61 9.39
C TRP A 388 -3.89 -8.34 9.78
N ASN A 389 -3.34 -7.19 9.36
CA ASN A 389 -1.96 -6.86 9.72
C ASN A 389 -1.76 -6.84 11.24
N LYS A 390 -2.73 -6.30 12.00
CA LYS A 390 -2.58 -6.30 13.46
C LYS A 390 -2.46 -7.72 13.99
N LEU A 391 -3.34 -8.60 13.54
CA LEU A 391 -3.32 -9.97 14.04
C LEU A 391 -2.01 -10.64 13.69
N GLN A 392 -1.41 -10.26 12.56
CA GLN A 392 -0.15 -10.81 12.11
C GLN A 392 1.06 -10.04 12.61
N SER A 393 0.85 -8.96 13.37
CA SER A 393 1.94 -8.10 13.84
C SER A 393 2.78 -7.57 12.68
N VAL A 394 2.12 -7.22 11.59
CA VAL A 394 2.74 -6.61 10.41
C VAL A 394 2.35 -5.14 10.38
N LYS A 395 3.32 -4.25 10.14
CA LYS A 395 3.00 -2.83 10.11
C LYS A 395 2.13 -2.48 8.91
N SER A 396 1.03 -1.75 9.18
CA SER A 396 0.21 -1.14 8.12
C SER A 396 0.87 0.17 7.72
N ILE A 397 1.45 0.20 6.52
CA ILE A 397 2.11 1.40 5.99
C ILE A 397 1.12 2.55 5.82
N VAL A 398 -0.16 2.26 5.63
CA VAL A 398 -1.18 3.30 5.58
C VAL A 398 -1.87 3.33 6.94
N PRO A 399 -1.78 4.43 7.71
CA PRO A 399 -2.41 4.49 9.03
C PRO A 399 -3.90 4.74 8.89
N MET A 400 -4.67 3.66 8.79
CA MET A 400 -6.07 3.77 8.41
C MET A 400 -6.90 4.55 9.42
N VAL A 401 -6.51 4.58 10.70
CA VAL A 401 -7.33 5.35 11.65
C VAL A 401 -7.12 6.84 11.43
N HIS A 402 -5.85 7.28 11.46
CA HIS A 402 -5.49 8.65 11.10
C HIS A 402 -6.15 9.08 9.79
N LEU A 403 -6.02 8.24 8.76
CA LEU A 403 -6.59 8.59 7.46
C LEU A 403 -8.11 8.72 7.54
N SER A 404 -8.78 7.79 8.23
CA SER A 404 -10.25 7.84 8.27
C SER A 404 -10.73 9.14 8.89
N TRP A 405 -10.07 9.59 9.95
CA TRP A 405 -10.49 10.85 10.57
C TRP A 405 -10.24 12.03 9.63
N ASN A 406 -9.14 12.00 8.86
CA ASN A 406 -8.92 13.05 7.87
C ASN A 406 -9.95 12.99 6.75
N MET A 407 -10.31 11.79 6.29
CA MET A 407 -11.39 11.67 5.32
C MET A 407 -12.66 12.31 5.85
N ALA A 408 -12.97 12.09 7.12
CA ALA A 408 -14.18 12.66 7.71
C ALA A 408 -14.10 14.18 7.80
N ARG A 409 -12.90 14.73 7.96
N ARG A 409 -12.88 14.72 7.93
CA ARG A 409 -12.75 16.18 7.97
CA ARG A 409 -12.70 16.17 7.99
C ARG A 409 -12.97 16.78 6.60
C ARG A 409 -12.81 16.84 6.62
N ASN A 410 -12.44 16.13 5.55
CA ASN A 410 -12.26 16.74 4.23
C ASN A 410 -13.28 16.37 3.18
N ILE A 411 -13.87 15.18 3.26
CA ILE A 411 -14.58 14.59 2.13
C ILE A 411 -16.05 14.53 2.45
N LYS A 412 -16.87 15.08 1.56
CA LYS A 412 -18.32 14.87 1.59
C LYS A 412 -18.61 13.58 0.84
N VAL A 413 -18.98 12.53 1.57
CA VAL A 413 -19.20 11.20 1.01
C VAL A 413 -20.68 11.06 0.68
N SER A 414 -21.00 10.79 -0.59
CA SER A 414 -22.39 10.64 -0.98
C SER A 414 -22.83 9.19 -1.16
N ASP A 415 -21.90 8.25 -1.27
CA ASP A 415 -22.31 6.85 -1.36
C ASP A 415 -22.64 6.30 0.02
N PRO A 416 -23.86 5.82 0.25
CA PRO A 416 -24.24 5.36 1.59
C PRO A 416 -23.36 4.24 2.13
N LYS A 417 -22.96 3.28 1.29
CA LYS A 417 -22.17 2.15 1.78
C LYS A 417 -20.79 2.61 2.24
N LEU A 418 -20.12 3.43 1.43
CA LEU A 418 -18.84 3.98 1.86
C LEU A 418 -18.99 4.84 3.11
N PHE A 419 -20.00 5.72 3.12
CA PHE A 419 -20.22 6.57 4.27
C PHE A 419 -20.36 5.73 5.54
N GLU A 420 -21.18 4.68 5.50
CA GLU A 420 -21.41 3.87 6.69
C GLU A 420 -20.12 3.22 7.18
N MET A 421 -19.28 2.76 6.25
CA MET A 421 -18.02 2.13 6.62
C MET A 421 -17.12 3.10 7.36
N ILE A 422 -16.98 4.32 6.81
CA ILE A 422 -16.11 5.31 7.45
C ILE A 422 -16.66 5.69 8.81
N LYS A 423 -17.96 5.98 8.88
CA LYS A 423 -18.49 6.44 10.17
C LYS A 423 -18.46 5.33 11.22
N TYR A 424 -18.60 4.08 10.79
CA TYR A 424 -18.42 2.94 11.71
C TYR A 424 -17.01 2.92 12.28
N CYS A 425 -16.01 3.12 11.43
CA CYS A 425 -14.64 3.23 11.91
C CYS A 425 -14.49 4.39 12.88
N LEU A 426 -15.06 5.55 12.56
CA LEU A 426 -14.98 6.67 13.51
C LEU A 426 -15.62 6.31 14.83
N LEU A 427 -16.75 5.64 14.78
CA LEU A 427 -17.44 5.27 16.01
C LEU A 427 -16.59 4.34 16.87
N ARG A 428 -16.04 3.29 16.27
CA ARG A 428 -15.24 2.34 17.03
CA ARG A 428 -15.23 2.32 17.02
C ARG A 428 -14.02 3.01 17.66
N THR A 429 -13.34 3.86 16.90
CA THR A 429 -12.12 4.48 17.42
C THR A 429 -12.43 5.60 18.40
N LEU A 430 -13.51 6.36 18.18
CA LEU A 430 -13.90 7.37 19.15
C LEU A 430 -14.23 6.72 20.49
N LYS A 431 -14.99 5.64 20.45
CA LYS A 431 -15.32 4.90 21.68
C LYS A 431 -14.06 4.34 22.33
N GLN A 432 -13.14 3.77 21.53
CA GLN A 432 -11.90 3.26 22.09
C GLN A 432 -11.11 4.37 22.78
N CYS A 433 -11.01 5.55 22.14
CA CYS A 433 -10.26 6.65 22.74
C CYS A 433 -10.90 7.10 24.04
N GLN A 434 -12.22 7.29 24.05
CA GLN A 434 -12.88 7.77 25.26
C GLN A 434 -12.83 6.72 26.37
N THR A 435 -12.90 5.44 26.00
CA THR A 435 -12.77 4.38 26.99
C THR A 435 -11.40 4.42 27.66
N LEU A 436 -10.33 4.48 26.85
CA LEU A 436 -8.98 4.57 27.40
C LEU A 436 -8.81 5.84 28.23
N ARG A 437 -9.35 6.96 27.74
CA ARG A 437 -9.24 8.22 28.46
C ARG A 437 -9.88 8.13 29.84
N GLU A 438 -11.08 7.56 29.91
CA GLU A 438 -11.74 7.40 31.21
C GLU A 438 -10.94 6.46 32.11
N ALA A 439 -10.40 5.38 31.55
CA ALA A 439 -9.64 4.44 32.37
C ALA A 439 -8.40 5.10 32.95
N LEU A 440 -7.70 5.91 32.17
CA LEU A 440 -6.55 6.64 32.69
C LEU A 440 -6.97 7.60 33.80
N ILE A 441 -8.01 8.40 33.55
CA ILE A 441 -8.51 9.33 34.56
C ILE A 441 -8.92 8.59 35.82
N ALA A 442 -9.61 7.45 35.66
CA ALA A 442 -10.09 6.70 36.81
C ALA A 442 -8.94 6.16 37.65
N ALA A 443 -7.84 5.77 37.02
CA ALA A 443 -6.65 5.35 37.75
C ALA A 443 -5.78 6.51 38.18
N GLY A 444 -6.20 7.75 37.94
CA GLY A 444 -5.42 8.90 38.35
C GLY A 444 -4.16 9.14 37.54
N LYS A 445 -4.07 8.57 36.34
CA LYS A 445 -2.89 8.75 35.50
C LYS A 445 -3.03 10.04 34.70
N GLU A 446 -2.05 10.94 34.84
CA GLU A 446 -2.09 12.22 34.16
C GLU A 446 -2.02 12.04 32.65
N ILE A 447 -2.77 12.87 31.93
CA ILE A 447 -2.74 12.90 30.47
C ILE A 447 -2.18 14.25 30.07
N ILE A 448 -0.97 14.25 29.52
CA ILE A 448 -0.30 15.48 29.14
C ILE A 448 -0.78 15.92 27.78
N TRP A 449 -1.25 17.17 27.68
CA TRP A 449 -1.54 17.72 26.36
C TRP A 449 -0.26 17.80 25.56
N HIS A 450 -0.23 17.11 24.43
CA HIS A 450 0.89 17.14 23.50
C HIS A 450 0.55 17.87 22.21
N GLY A 451 -0.67 17.71 21.70
CA GLY A 451 -1.01 18.30 20.45
C GLY A 451 -0.25 17.63 19.32
N ARG A 452 -0.32 18.25 18.16
CA ARG A 452 0.46 17.79 17.01
C ARG A 452 0.63 18.93 16.03
N THR A 453 1.74 18.88 15.30
CA THR A 453 2.14 19.94 14.40
C THR A 453 1.51 19.75 13.02
N LYS A 454 1.81 20.69 12.13
CA LYS A 454 1.35 20.61 10.75
C LYS A 454 2.01 19.43 10.07
N GLU A 455 1.18 18.55 9.50
CA GLU A 455 1.61 17.38 8.73
C GLU A 455 2.35 16.36 9.59
N GLU A 456 2.17 16.39 10.90
CA GLU A 456 2.81 15.39 11.75
C GLU A 456 2.31 14.00 11.35
N PRO A 457 3.19 13.04 11.11
CA PRO A 457 2.74 11.72 10.70
C PRO A 457 2.01 11.00 11.82
N ALA A 458 1.26 9.97 11.42
CA ALA A 458 0.74 9.04 12.40
C ALA A 458 1.89 8.31 13.08
N HIS A 459 1.69 7.99 14.35
CA HIS A 459 2.70 7.30 15.13
C HIS A 459 2.33 5.83 15.28
N TYR A 460 3.37 5.00 15.40
CA TYR A 460 3.22 3.56 15.51
C TYR A 460 3.98 3.08 16.73
N CYS A 461 3.55 1.95 17.27
CA CYS A 461 4.20 1.39 18.44
C CYS A 461 5.59 0.87 18.09
N SER A 462 6.59 1.32 18.85
CA SER A 462 7.97 0.88 18.58
C SER A 462 8.16 -0.60 18.81
N ILE A 463 7.27 -1.26 19.55
CA ILE A 463 7.41 -2.68 19.83
C ILE A 463 6.66 -3.52 18.80
N CYS A 464 5.34 -3.35 18.72
CA CYS A 464 4.52 -4.21 17.88
C CYS A 464 4.13 -3.58 16.55
N GLU A 465 4.36 -2.27 16.36
CA GLU A 465 4.19 -1.55 15.11
C GLU A 465 2.73 -1.30 14.75
N VAL A 466 1.80 -1.49 15.69
CA VAL A 466 0.42 -1.05 15.51
C VAL A 466 0.36 0.48 15.44
N GLU A 467 -0.58 1.00 14.67
CA GLU A 467 -0.86 2.43 14.73
C GLU A 467 -1.33 2.81 16.13
N VAL A 468 -0.81 3.93 16.65
CA VAL A 468 -1.18 4.43 17.96
C VAL A 468 -1.80 5.80 17.75
N PHE A 469 -3.11 5.88 17.93
CA PHE A 469 -3.89 7.06 17.59
C PHE A 469 -4.28 7.82 18.86
N ASP A 470 -3.99 9.13 18.85
CA ASP A 470 -4.46 10.09 19.85
C ASP A 470 -3.69 10.01 21.16
N LEU A 471 -3.65 8.86 21.81
CA LEU A 471 -3.03 8.73 23.13
C LEU A 471 -1.74 7.93 22.99
N LEU A 472 -0.61 8.61 23.18
CA LEU A 472 0.70 8.02 22.96
C LEU A 472 1.36 7.72 24.30
N PHE A 473 1.93 6.52 24.42
CA PHE A 473 2.63 6.11 25.63
C PHE A 473 4.14 6.20 25.39
N VAL A 474 4.80 7.07 26.12
CA VAL A 474 6.22 7.34 25.94
C VAL A 474 6.89 7.23 27.31
N THR A 475 8.06 6.60 27.35
CA THR A 475 8.75 6.50 28.64
C THR A 475 9.15 7.88 29.13
N ASN A 476 9.27 8.00 30.45
CA ASN A 476 9.70 9.27 31.04
C ASN A 476 11.02 9.74 30.43
N GLU A 477 11.97 8.82 30.24
CA GLU A 477 13.25 9.19 29.65
C GLU A 477 13.07 9.68 28.22
N SER A 478 12.31 8.94 27.41
CA SER A 478 12.12 9.32 26.02
C SER A 478 11.38 10.66 25.89
N ASN A 479 10.47 10.95 26.82
CA ASN A 479 9.75 12.21 26.79
C ASN A 479 10.70 13.38 27.05
N SER A 480 11.52 13.27 28.10
CA SER A 480 12.45 14.34 28.46
C SER A 480 13.47 14.59 27.37
N ARG A 481 13.95 13.53 26.73
N ARG A 481 13.96 13.53 26.73
CA ARG A 481 14.91 13.67 25.65
CA ARG A 481 14.93 13.68 25.65
C ARG A 481 14.27 13.92 24.30
C ARG A 481 14.27 14.01 24.31
N LYS A 482 12.93 14.01 24.25
CA LYS A 482 12.18 14.31 23.03
C LYS A 482 12.51 13.34 21.90
N THR A 483 12.90 12.11 22.25
CA THR A 483 12.95 11.08 21.22
C THR A 483 11.56 10.56 20.90
N TYR A 484 10.65 10.65 21.87
CA TYR A 484 9.24 10.32 21.69
C TYR A 484 9.06 8.95 21.06
N ILE A 485 9.70 7.96 21.68
CA ILE A 485 9.54 6.57 21.25
C ILE A 485 8.15 6.12 21.68
N VAL A 486 7.23 6.05 20.73
CA VAL A 486 5.83 5.76 21.04
C VAL A 486 5.65 4.28 21.33
N HIS A 487 4.85 3.98 22.34
CA HIS A 487 4.35 2.64 22.62
C HIS A 487 2.82 2.64 22.54
N CYS A 488 2.26 1.51 22.11
CA CYS A 488 0.84 1.32 22.32
C CYS A 488 0.59 0.99 23.80
N GLN A 489 -0.68 1.05 24.18
CA GLN A 489 -1.04 0.81 25.58
C GLN A 489 -0.60 -0.58 26.03
N ASP A 490 -0.89 -1.60 25.22
CA ASP A 490 -0.59 -2.97 25.62
C ASP A 490 0.91 -3.18 25.81
N CYS A 491 1.72 -2.66 24.89
CA CYS A 491 3.16 -2.85 25.00
C CYS A 491 3.75 -2.04 26.16
N ALA A 492 3.17 -0.88 26.45
CA ALA A 492 3.63 -0.11 27.61
C ALA A 492 3.36 -0.86 28.90
N ARG A 493 2.18 -1.46 29.03
CA ARG A 493 1.81 -2.12 30.28
C ARG A 493 2.63 -3.39 30.51
N LYS A 494 3.11 -4.02 29.44
CA LYS A 494 3.92 -5.22 29.59
C LYS A 494 5.21 -4.97 30.34
N THR A 495 5.71 -3.73 30.36
CA THR A 495 6.92 -3.38 31.09
C THR A 495 6.66 -2.44 32.26
N SER A 496 5.44 -1.93 32.42
CA SER A 496 5.07 -1.11 33.57
C SER A 496 3.56 -1.25 33.74
N GLY A 497 3.15 -2.28 34.49
CA GLY A 497 1.74 -2.60 34.59
C GLY A 497 0.89 -1.42 35.04
N ASN A 498 1.45 -0.57 35.91
CA ASN A 498 0.78 0.63 36.37
C ASN A 498 1.28 1.88 35.65
N LEU A 499 2.05 1.71 34.56
CA LEU A 499 2.49 2.82 33.70
C LEU A 499 3.37 3.82 34.44
N GLU A 500 4.07 3.40 35.49
CA GLU A 500 4.88 4.33 36.25
C GLU A 500 6.02 4.91 35.42
N ASN A 501 6.57 4.13 34.50
CA ASN A 501 7.68 4.60 33.69
C ASN A 501 7.23 5.38 32.45
N PHE A 502 5.95 5.69 32.32
CA PHE A 502 5.41 6.26 31.10
C PHE A 502 4.66 7.56 31.35
N VAL A 503 4.69 8.44 30.35
CA VAL A 503 3.75 9.54 30.25
C VAL A 503 2.77 9.21 29.14
N VAL A 504 1.58 9.82 29.21
CA VAL A 504 0.56 9.68 28.18
C VAL A 504 0.40 11.03 27.50
N LEU A 505 0.77 11.10 26.22
CA LEU A 505 0.65 12.32 25.43
C LEU A 505 -0.65 12.27 24.65
N GLU A 506 -1.40 13.36 24.65
CA GLU A 506 -2.68 13.44 23.94
C GLU A 506 -2.51 14.37 22.73
N GLN A 507 -2.79 13.82 21.55
N GLN A 507 -2.85 13.86 21.55
CA GLN A 507 -2.65 14.52 20.28
CA GLN A 507 -2.62 14.60 20.32
C GLN A 507 -3.84 15.39 19.92
C GLN A 507 -3.84 15.32 19.78
N TYR A 508 -5.06 14.90 20.13
CA TYR A 508 -6.27 15.57 19.70
C TYR A 508 -7.12 15.93 20.89
N LYS A 509 -7.73 17.11 20.84
CA LYS A 509 -8.74 17.44 21.83
C LYS A 509 -9.96 16.56 21.58
N MET A 510 -10.50 15.96 22.65
CA MET A 510 -11.67 15.09 22.49
C MET A 510 -12.84 15.85 21.87
N GLU A 511 -13.04 17.11 22.24
CA GLU A 511 -14.07 17.93 21.62
C GLU A 511 -13.89 18.02 20.11
N ASP A 512 -12.65 18.14 19.64
CA ASP A 512 -12.39 18.17 18.19
C ASP A 512 -12.85 16.88 17.53
N LEU A 513 -12.46 15.74 18.11
CA LEU A 513 -12.85 14.45 17.55
C LEU A 513 -14.37 14.30 17.55
N MET A 514 -15.02 14.73 18.63
CA MET A 514 -16.48 14.60 18.72
C MET A 514 -17.15 15.44 17.65
N GLN A 515 -16.62 16.65 17.40
CA GLN A 515 -17.21 17.52 16.38
C GLN A 515 -17.01 16.95 14.99
N VAL A 516 -15.81 16.43 14.68
CA VAL A 516 -15.57 15.82 13.39
C VAL A 516 -16.53 14.66 13.17
N TYR A 517 -16.74 13.83 14.21
CA TYR A 517 -17.66 12.70 14.11
C TYR A 517 -19.09 13.18 13.87
N ASP A 518 -19.56 14.16 14.64
CA ASP A 518 -20.92 14.64 14.48
C ASP A 518 -21.14 15.35 13.14
N GLN A 519 -20.13 16.02 12.61
CA GLN A 519 -20.29 16.75 11.36
C GLN A 519 -20.09 15.89 10.13
N PHE A 520 -19.70 14.62 10.30
CA PHE A 520 -19.56 13.69 9.18
C PHE A 520 -20.91 13.06 8.95
N THR A 521 -21.61 13.53 7.92
CA THR A 521 -22.95 13.04 7.59
C THR A 521 -23.04 12.74 6.09
N LEU A 522 -24.05 11.97 5.73
CA LEU A 522 -24.21 11.56 4.33
C LEU A 522 -24.45 12.76 3.45
N ALA A 523 -23.65 12.88 2.37
CA ALA A 523 -23.75 14.05 1.54
C ALA A 523 -24.82 13.85 0.45
N PRO A 524 -25.43 14.93 -0.02
CA PRO A 524 -26.39 14.80 -1.11
C PRO A 524 -25.70 14.38 -2.40
N PRO A 525 -26.37 13.59 -3.25
CA PRO A 525 -25.82 13.20 -4.55
C PRO A 525 -25.73 14.36 -5.52
C4 E7Z B . 5.12 -4.09 -8.61
C5 E7Z B . 5.93 -4.23 -9.56
C6 E7Z B . 6.97 -3.21 -9.73
C7 E7Z B . 7.97 -3.37 -10.86
N E7Z B . 7.06 -2.16 -8.91
C1 E7Z B . 8.10 -1.16 -9.09
C2 E7Z B . 6.16 -2.02 -7.86
C3 E7Z B . 5.20 -2.94 -7.69
O1 E7Z B . 4.11 -5.00 -8.38
O2 E7Z B . 8.01 -2.49 -11.76
O3 E7Z B . 8.71 -4.38 -10.86
O4 E7Z B . 4.27 -2.84 -6.65
MN MN C . 2.78 -4.22 -6.92
ZN ZN D . 2.59 -2.24 20.84
S SO4 E . -24.12 9.50 36.00
O1 SO4 E . -23.37 10.72 36.26
O2 SO4 E . -23.26 8.34 36.26
O3 SO4 E . -25.29 9.41 36.88
O4 SO4 E . -24.56 9.50 34.61
S SO4 F . -8.48 15.66 -14.94
O1 SO4 F . -9.20 16.13 -13.76
O2 SO4 F . -7.07 16.05 -14.83
O3 SO4 F . -8.60 14.20 -15.04
O4 SO4 F . -9.05 16.29 -16.12
S SO4 G . -15.21 -2.18 6.60
O1 SO4 G . -15.83 -1.42 7.69
O2 SO4 G . -14.01 -2.87 7.05
O3 SO4 G . -16.12 -3.22 6.12
O4 SO4 G . -14.88 -1.25 5.53
S SO4 H . -4.03 14.29 -29.47
O1 SO4 H . -3.06 15.31 -29.08
O2 SO4 H . -3.73 13.03 -28.80
O3 SO4 H . -5.37 14.75 -29.09
O4 SO4 H . -3.97 14.08 -30.91
S SO4 I . -2.26 18.26 9.89
O1 SO4 I . -1.63 19.58 9.95
O2 SO4 I . -1.25 17.24 10.12
O3 SO4 I . -3.31 18.18 10.91
O4 SO4 I . -2.85 18.05 8.58
S SO4 J . -7.64 17.08 -7.42
O1 SO4 J . -8.60 18.13 -7.11
O2 SO4 J . -6.31 17.67 -7.53
O3 SO4 J . -7.66 16.05 -6.35
O4 SO4 J . -7.97 16.46 -8.71
C5 PG0 K . -9.11 19.32 2.14
O2 PG0 K . -7.78 18.92 1.97
C4 PG0 K . -7.50 18.42 0.70
C3 PG0 K . -6.41 17.34 0.80
O1 PG0 K . -6.52 16.51 -0.31
C2 PG0 K . -6.70 17.16 -1.54
C1 PG0 K . -5.61 16.67 -2.48
OTT PG0 K . -5.42 17.63 -3.49
#